data_2YLN
#
_entry.id   2YLN
#
_cell.length_a   35.730
_cell.length_b   63.430
_cell.length_c   44.650
_cell.angle_alpha   90.00
_cell.angle_beta   96.89
_cell.angle_gamma   90.00
#
_symmetry.space_group_name_H-M   'P 1 21 1'
#
loop_
_entity.id
_entity.type
_entity.pdbx_description
1 polymer 'PUTATIVE ABC TRANSPORTER, PERIPLASMIC BINDING PROTEIN, AMINO ACID'
2 non-polymer CYSTEINE
3 non-polymer 'SULFATE ION'
4 non-polymer GLYCEROL
5 water water
#
_entity_poly.entity_id   1
_entity_poly.type   'polypeptide(L)'
_entity_poly.pdbx_seq_one_letter_code
;MGHHHHHHHHHHSSGHIDDDDKHMAAAGGSEGGSGASSAPAQSAISGSLIERINNKGTVTVGTEGTYAPFTYHDKDGKLT
GYDVEVTRAVAEKLGVKVEFKETQWDSMMAGLKAGRFDVVANQVGLTSPERQATFDKSEPYSWSGAVLVAHNDSNIKSIA
DIKGVKTAQSLTSNYGEKAKAAGAQLVPVDGLAQSLTLIEQKRADATLNDELAVLDYLKKNPNAGVKIVWSAPADEKVGS
GLIVNKGNDEAVAKFSTAINELKADGTLKKLGEQFFGKDISVQ
;
_entity_poly.pdbx_strand_id   A
#
# COMPACT_ATOMS: atom_id res chain seq x y z
N ALA A 44 -27.90 2.57 -3.62
CA ALA A 44 -27.29 2.86 -4.95
C ALA A 44 -27.81 1.91 -6.01
N ILE A 45 -27.56 2.36 -7.22
CA ILE A 45 -27.87 1.66 -8.47
C ILE A 45 -27.23 0.26 -8.57
N SER A 46 -26.15 0.11 -7.83
CA SER A 46 -25.40 -1.15 -7.78
C SER A 46 -25.99 -2.15 -6.79
N GLY A 47 -26.80 -1.73 -5.82
CA GLY A 47 -27.02 -2.64 -4.69
C GLY A 47 -25.87 -2.61 -3.72
N SER A 48 -26.11 -3.02 -2.48
CA SER A 48 -25.08 -2.90 -1.48
C SER A 48 -23.95 -3.90 -1.75
N LEU A 49 -22.83 -3.66 -1.11
CA LEU A 49 -21.71 -4.55 -1.29
C LEU A 49 -22.04 -5.95 -0.81
N ILE A 50 -22.69 -6.08 0.34
CA ILE A 50 -23.02 -7.44 0.81
C ILE A 50 -24.00 -8.09 -0.12
N GLU A 51 -24.99 -7.34 -0.66
CA GLU A 51 -25.89 -7.94 -1.62
C GLU A 51 -25.10 -8.54 -2.77
N ARG A 52 -24.13 -7.76 -3.31
CA ARG A 52 -23.34 -8.26 -4.45
C ARG A 52 -22.42 -9.38 -4.07
N ILE A 53 -21.92 -9.42 -2.86
CA ILE A 53 -21.14 -10.55 -2.46
C ILE A 53 -22.06 -11.78 -2.35
N ASN A 54 -23.11 -11.67 -1.61
CA ASN A 54 -23.98 -12.86 -1.33
C ASN A 54 -24.65 -13.34 -2.62
N ASN A 55 -24.90 -12.43 -3.57
N ASN A 55 -25.05 -12.45 -3.53
CA ASN A 55 -25.68 -12.72 -4.78
CA ASN A 55 -25.75 -12.89 -4.75
C ASN A 55 -24.80 -12.90 -5.99
C ASN A 55 -24.83 -12.94 -5.99
N LYS A 56 -23.50 -12.78 -5.81
CA LYS A 56 -22.52 -13.13 -6.84
C LYS A 56 -22.57 -12.15 -8.02
N GLY A 57 -22.38 -10.89 -7.68
CA GLY A 57 -22.24 -9.76 -8.63
C GLY A 57 -20.81 -9.31 -8.77
N THR A 58 -20.62 -8.04 -8.98
CA THR A 58 -19.32 -7.44 -9.31
C THR A 58 -18.91 -6.46 -8.20
N VAL A 59 -17.64 -6.51 -7.85
CA VAL A 59 -17.03 -5.67 -6.82
C VAL A 59 -15.91 -4.85 -7.50
N THR A 60 -15.83 -3.55 -7.23
CA THR A 60 -14.79 -2.69 -7.76
C THR A 60 -13.74 -2.40 -6.70
N VAL A 61 -12.48 -2.39 -7.12
CA VAL A 61 -11.33 -2.29 -6.23
C VAL A 61 -10.43 -1.18 -6.69
N GLY A 62 -10.17 -0.20 -5.84
CA GLY A 62 -9.19 0.81 -6.14
C GLY A 62 -7.76 0.33 -5.82
N THR A 63 -6.87 0.62 -6.75
CA THR A 63 -5.45 0.26 -6.60
C THR A 63 -4.66 1.13 -7.53
N GLU A 64 -3.39 1.34 -7.27
CA GLU A 64 -2.57 2.26 -8.09
C GLU A 64 -2.17 1.71 -9.41
N GLY A 65 -1.62 0.48 -9.44
CA GLY A 65 -1.05 -0.06 -10.65
C GLY A 65 0.33 0.48 -10.99
N THR A 66 0.93 1.26 -10.10
CA THR A 66 2.19 1.95 -10.33
C THR A 66 3.12 1.82 -9.14
N TYR A 67 3.00 0.72 -8.35
CA TYR A 67 3.66 0.58 -7.04
C TYR A 67 4.16 -0.85 -6.88
N ALA A 68 5.24 -1.21 -7.53
CA ALA A 68 5.82 -2.54 -7.41
C ALA A 68 6.39 -2.69 -6.00
N PRO A 69 6.32 -3.90 -5.39
CA PRO A 69 5.81 -5.16 -5.93
C PRO A 69 4.35 -5.44 -5.50
N PHE A 70 3.64 -4.40 -5.09
CA PHE A 70 2.30 -4.52 -4.51
C PHE A 70 1.20 -4.45 -5.57
N THR A 71 1.31 -3.54 -6.54
CA THR A 71 0.23 -3.29 -7.47
C THR A 71 0.90 -2.59 -8.66
N TYR A 72 1.13 -3.35 -9.74
CA TYR A 72 1.94 -2.83 -10.84
C TYR A 72 1.65 -3.61 -12.09
N HIS A 73 2.16 -3.13 -13.23
CA HIS A 73 2.04 -3.86 -14.45
C HIS A 73 3.32 -4.55 -14.80
N ASP A 74 3.20 -5.81 -15.18
CA ASP A 74 4.36 -6.59 -15.55
C ASP A 74 4.80 -6.27 -16.98
N LYS A 75 5.83 -6.95 -17.46
N LYS A 75 5.86 -6.96 -17.42
CA LYS A 75 6.45 -6.56 -18.73
CA LYS A 75 6.53 -6.73 -18.70
C LYS A 75 5.55 -6.78 -19.92
C LYS A 75 5.53 -6.76 -19.88
N ASP A 76 4.50 -7.57 -19.73
CA ASP A 76 3.45 -7.81 -20.70
C ASP A 76 2.18 -7.03 -20.49
N GLY A 77 2.24 -6.04 -19.60
CA GLY A 77 1.18 -5.14 -19.34
C GLY A 77 0.12 -5.64 -18.39
N LYS A 78 0.31 -6.84 -17.83
N LYS A 78 0.26 -6.83 -17.84
N LYS A 78 0.27 -6.85 -17.87
CA LYS A 78 -0.67 -7.47 -16.91
CA LYS A 78 -0.81 -7.34 -17.01
CA LYS A 78 -0.70 -7.43 -16.93
C LYS A 78 -0.64 -6.71 -15.58
C LYS A 78 -0.69 -6.85 -15.56
C LYS A 78 -0.64 -6.68 -15.60
N LEU A 79 -1.80 -6.30 -15.05
CA LEU A 79 -1.91 -5.84 -13.65
C LEU A 79 -1.68 -7.00 -12.70
N THR A 80 -0.70 -6.85 -11.85
CA THR A 80 -0.33 -7.88 -10.88
C THR A 80 0.23 -7.16 -9.68
N GLY A 81 0.99 -7.89 -8.86
CA GLY A 81 1.47 -7.44 -7.57
C GLY A 81 0.73 -8.15 -6.44
N TYR A 82 1.36 -8.15 -5.27
CA TYR A 82 0.80 -8.91 -4.15
C TYR A 82 -0.63 -8.52 -3.83
N ASP A 83 -0.92 -7.24 -3.69
CA ASP A 83 -2.26 -6.84 -3.29
C ASP A 83 -3.33 -7.22 -4.33
N VAL A 84 -2.94 -7.05 -5.60
CA VAL A 84 -3.83 -7.40 -6.69
C VAL A 84 -4.11 -8.91 -6.68
N GLU A 85 -3.07 -9.73 -6.58
CA GLU A 85 -3.24 -11.17 -6.62
C GLU A 85 -4.01 -11.67 -5.39
N VAL A 86 -3.76 -11.09 -4.20
CA VAL A 86 -4.53 -11.46 -3.05
C VAL A 86 -6.02 -11.15 -3.31
N THR A 87 -6.30 -9.96 -3.87
CA THR A 87 -7.64 -9.54 -4.12
C THR A 87 -8.33 -10.46 -5.11
N ARG A 88 -7.62 -10.86 -6.17
CA ARG A 88 -8.17 -11.83 -7.12
C ARG A 88 -8.52 -13.13 -6.42
N ALA A 89 -7.66 -13.60 -5.53
CA ALA A 89 -7.90 -14.86 -4.82
C ALA A 89 -9.09 -14.70 -3.89
N VAL A 90 -9.23 -13.55 -3.20
CA VAL A 90 -10.40 -13.27 -2.38
C VAL A 90 -11.64 -13.34 -3.25
N ALA A 91 -11.65 -12.65 -4.39
CA ALA A 91 -12.82 -12.59 -5.23
C ALA A 91 -13.23 -13.99 -5.66
N GLU A 92 -12.27 -14.83 -6.02
N GLU A 92 -12.21 -14.81 -6.00
CA GLU A 92 -12.65 -16.19 -6.38
CA GLU A 92 -12.35 -16.25 -6.36
C GLU A 92 -13.28 -16.93 -5.22
C GLU A 92 -12.97 -17.09 -5.22
N LYS A 93 -12.72 -16.83 -4.04
N LYS A 93 -12.67 -16.79 -3.95
CA LYS A 93 -13.29 -17.48 -2.86
CA LYS A 93 -13.28 -17.48 -2.81
C LYS A 93 -14.71 -17.01 -2.64
C LYS A 93 -14.71 -17.00 -2.60
N LEU A 94 -15.01 -15.72 -2.87
CA LEU A 94 -16.35 -15.15 -2.66
C LEU A 94 -17.29 -15.34 -3.85
N GLY A 95 -16.71 -15.80 -4.95
CA GLY A 95 -17.56 -15.98 -6.15
C GLY A 95 -18.04 -14.71 -6.80
N VAL A 96 -17.29 -13.60 -6.66
CA VAL A 96 -17.65 -12.33 -7.28
C VAL A 96 -16.72 -12.05 -8.46
N LYS A 97 -17.22 -11.28 -9.40
N LYS A 97 -17.21 -11.23 -9.39
N LYS A 97 -17.21 -11.28 -9.41
CA LYS A 97 -16.42 -10.64 -10.42
CA LYS A 97 -16.37 -10.65 -10.43
CA LYS A 97 -16.40 -10.64 -10.42
C LYS A 97 -15.70 -9.47 -9.76
C LYS A 97 -15.72 -9.37 -9.91
C LYS A 97 -15.70 -9.47 -9.76
N VAL A 98 -14.44 -9.31 -10.06
CA VAL A 98 -13.66 -8.14 -9.60
C VAL A 98 -13.20 -7.29 -10.72
N GLU A 99 -13.29 -5.98 -10.55
CA GLU A 99 -12.78 -4.99 -11.50
C GLU A 99 -11.84 -4.04 -10.72
N PHE A 100 -10.64 -3.84 -11.25
CA PHE A 100 -9.70 -2.92 -10.65
C PHE A 100 -9.76 -1.57 -11.34
N LYS A 101 -9.89 -0.53 -10.55
N LYS A 101 -9.92 -0.53 -10.56
CA LYS A 101 -10.02 0.88 -10.97
CA LYS A 101 -9.95 0.82 -11.08
C LYS A 101 -8.69 1.59 -10.63
C LYS A 101 -8.69 1.54 -10.65
N GLU A 102 -7.81 1.69 -11.61
CA GLU A 102 -6.51 2.23 -11.33
C GLU A 102 -6.64 3.71 -11.01
N THR A 103 -6.01 4.10 -9.92
CA THR A 103 -6.27 5.41 -9.29
C THR A 103 -5.00 6.00 -8.74
N GLN A 104 -4.77 7.30 -8.95
N GLN A 104 -4.75 7.28 -8.97
CA GLN A 104 -3.68 8.02 -8.31
CA GLN A 104 -3.63 7.96 -8.35
C GLN A 104 -3.79 7.90 -6.80
C GLN A 104 -3.77 7.89 -6.83
N TRP A 105 -2.66 7.76 -6.12
CA TRP A 105 -2.71 7.60 -4.68
C TRP A 105 -3.48 8.72 -4.00
N ASP A 106 -3.21 9.99 -4.36
CA ASP A 106 -3.83 11.08 -3.67
C ASP A 106 -5.28 11.23 -3.92
N SER A 107 -5.87 10.43 -4.78
CA SER A 107 -7.28 10.31 -5.06
C SER A 107 -7.92 9.06 -4.41
N MET A 108 -7.09 8.19 -3.83
CA MET A 108 -7.55 6.84 -3.47
C MET A 108 -8.60 6.82 -2.36
N MET A 109 -8.24 7.37 -1.20
CA MET A 109 -9.16 7.29 -0.06
C MET A 109 -10.33 8.23 -0.23
N ALA A 110 -10.13 9.37 -0.91
CA ALA A 110 -11.22 10.21 -1.31
C ALA A 110 -12.17 9.46 -2.22
N GLY A 111 -11.62 8.70 -3.16
CA GLY A 111 -12.40 7.90 -4.05
C GLY A 111 -13.24 6.87 -3.35
N LEU A 112 -12.66 6.20 -2.35
CA LEU A 112 -13.41 5.22 -1.60
C LEU A 112 -14.61 5.88 -0.94
N LYS A 113 -14.37 7.02 -0.29
N LYS A 113 -14.42 7.02 -0.26
CA LYS A 113 -15.38 7.76 0.38
CA LYS A 113 -15.57 7.70 0.36
C LYS A 113 -16.50 8.28 -0.59
C LYS A 113 -16.61 8.07 -0.69
N ALA A 114 -16.15 8.60 -1.82
CA ALA A 114 -17.05 9.17 -2.82
C ALA A 114 -17.59 8.12 -3.72
N GLY A 115 -17.35 6.85 -3.49
CA GLY A 115 -17.95 5.79 -4.35
C GLY A 115 -17.29 5.46 -5.63
N ARG A 116 -16.06 5.86 -5.83
CA ARG A 116 -15.31 5.52 -7.04
C ARG A 116 -15.19 4.00 -7.12
N PHE A 117 -15.14 3.31 -5.98
CA PHE A 117 -14.96 1.87 -5.91
C PHE A 117 -15.51 1.43 -4.58
N ASP A 118 -15.70 0.09 -4.44
CA ASP A 118 -16.16 -0.50 -3.21
C ASP A 118 -15.10 -0.67 -2.10
N VAL A 119 -13.87 -0.91 -2.50
N VAL A 119 -13.90 -0.92 -2.56
N VAL A 119 -13.92 -1.08 -2.52
CA VAL A 119 -12.84 -1.40 -1.63
CA VAL A 119 -12.82 -1.46 -1.77
CA VAL A 119 -12.82 -1.34 -1.61
C VAL A 119 -11.51 -0.89 -2.18
C VAL A 119 -11.52 -0.76 -2.20
C VAL A 119 -11.51 -0.90 -2.17
N VAL A 120 -10.54 -0.67 -1.29
CA VAL A 120 -9.18 -0.35 -1.65
C VAL A 120 -8.24 -1.49 -1.27
N ALA A 121 -7.39 -1.88 -2.19
CA ALA A 121 -6.33 -2.88 -1.98
C ALA A 121 -5.01 -2.23 -2.38
N ASN A 122 -4.31 -1.65 -1.43
CA ASN A 122 -3.16 -0.84 -1.76
C ASN A 122 -2.27 -0.56 -0.54
N GLN A 123 -1.94 -1.64 0.22
CA GLN A 123 -1.05 -1.50 1.36
C GLN A 123 -1.54 -0.44 2.35
N VAL A 124 -2.84 -0.49 2.63
CA VAL A 124 -3.46 0.48 3.53
C VAL A 124 -3.80 -0.14 4.89
N GLY A 125 -3.38 0.56 5.93
CA GLY A 125 -3.91 0.37 7.28
C GLY A 125 -4.65 1.63 7.72
N LEU A 126 -5.33 1.53 8.88
CA LEU A 126 -6.09 2.63 9.44
C LEU A 126 -5.18 3.43 10.32
N THR A 127 -4.25 4.16 9.70
CA THR A 127 -3.10 4.78 10.31
C THR A 127 -3.28 6.26 10.63
N SER A 128 -4.49 6.71 10.59
N SER A 128 -4.50 6.80 10.47
CA SER A 128 -4.84 8.02 11.11
CA SER A 128 -4.83 8.25 10.75
C SER A 128 -6.13 7.93 11.86
C SER A 128 -6.20 8.29 11.45
N PRO A 129 -6.35 8.85 12.84
N PRO A 129 -6.55 9.43 12.11
CA PRO A 129 -7.63 8.87 13.56
CA PRO A 129 -7.83 9.54 12.80
C PRO A 129 -8.76 9.02 12.50
C PRO A 129 -8.97 9.47 11.81
N GLU A 130 -8.53 9.81 11.45
N GLU A 130 -8.81 10.15 10.69
CA GLU A 130 -9.57 10.01 10.41
CA GLU A 130 -9.92 10.21 9.78
C GLU A 130 -9.87 8.68 9.70
C GLU A 130 -10.17 8.81 9.24
N ARG A 131 -8.85 7.90 9.32
N ARG A 131 -9.12 8.10 8.85
CA ARG A 131 -9.15 6.64 8.64
CA ARG A 131 -9.27 6.65 8.54
C ARG A 131 -9.93 5.74 9.58
C ARG A 131 -9.96 5.74 9.60
N GLN A 132 -9.51 5.78 10.86
CA GLN A 132 -10.16 4.95 11.90
C GLN A 132 -11.61 5.31 12.07
N ALA A 133 -11.96 6.59 11.88
CA ALA A 133 -13.33 7.04 12.07
C ALA A 133 -14.20 6.76 10.86
N THR A 134 -13.59 6.55 9.68
CA THR A 134 -14.31 6.54 8.45
C THR A 134 -14.44 5.18 7.79
N PHE A 135 -13.41 4.34 7.96
CA PHE A 135 -13.29 3.09 7.23
C PHE A 135 -13.16 1.89 8.14
N ASP A 136 -13.50 0.72 7.64
CA ASP A 136 -13.16 -0.53 8.26
C ASP A 136 -12.15 -1.27 7.38
N LYS A 137 -11.33 -2.10 8.02
CA LYS A 137 -10.29 -2.89 7.39
C LYS A 137 -10.53 -4.37 7.69
N SER A 138 -10.40 -5.19 6.66
CA SER A 138 -10.43 -6.65 6.84
C SER A 138 -9.29 -7.11 7.73
N GLU A 139 -9.32 -8.40 8.07
CA GLU A 139 -8.15 -9.09 8.51
C GLU A 139 -6.99 -8.72 7.63
N PRO A 140 -5.80 -8.41 8.20
CA PRO A 140 -4.72 -8.07 7.32
C PRO A 140 -4.24 -9.22 6.46
N TYR A 141 -3.85 -8.88 5.25
CA TYR A 141 -3.16 -9.79 4.35
C TYR A 141 -1.67 -9.64 4.35
N SER A 142 -1.11 -8.62 5.00
CA SER A 142 0.31 -8.39 5.04
C SER A 142 0.62 -7.47 6.18
N TRP A 143 1.86 -7.55 6.66
CA TRP A 143 2.44 -6.69 7.66
C TRP A 143 3.77 -6.16 7.18
N SER A 144 3.97 -4.86 7.28
CA SER A 144 5.21 -4.25 6.87
C SER A 144 5.34 -2.90 7.58
N GLY A 145 6.44 -2.23 7.42
CA GLY A 145 6.65 -0.91 8.04
C GLY A 145 7.63 -0.09 7.27
N ALA A 146 7.74 1.15 7.71
CA ALA A 146 8.40 2.20 6.98
C ALA A 146 9.93 2.17 7.16
N VAL A 147 10.56 2.79 6.15
CA VAL A 147 11.96 3.15 6.19
C VAL A 147 12.08 4.56 5.62
N LEU A 148 13.22 5.18 5.96
CA LEU A 148 13.66 6.46 5.39
C LEU A 148 14.81 6.25 4.46
N VAL A 149 14.71 6.81 3.27
CA VAL A 149 15.73 6.78 2.22
C VAL A 149 16.33 8.17 2.04
N ALA A 150 17.66 8.18 1.91
CA ALA A 150 18.37 9.43 1.61
C ALA A 150 19.43 9.10 0.58
N HIS A 151 20.10 10.12 0.06
CA HIS A 151 21.18 9.91 -0.86
C HIS A 151 22.37 9.28 -0.13
N ASN A 152 23.17 8.54 -0.88
CA ASN A 152 24.44 8.06 -0.33
C ASN A 152 25.25 9.28 0.13
N ASP A 153 25.99 9.13 1.22
CA ASP A 153 26.82 10.22 1.80
C ASP A 153 26.00 11.35 2.43
N SER A 154 24.71 11.16 2.66
CA SER A 154 23.85 12.13 3.32
C SER A 154 24.17 12.17 4.80
N ASN A 155 23.91 13.31 5.42
CA ASN A 155 23.84 13.40 6.87
C ASN A 155 22.54 13.10 7.52
N ILE A 156 21.55 12.72 6.74
CA ILE A 156 20.24 12.36 7.28
C ILE A 156 20.31 10.93 7.82
N LYS A 157 20.07 10.74 9.13
N LYS A 157 19.96 10.72 9.07
CA LYS A 157 20.21 9.44 9.83
CA LYS A 157 20.07 9.42 9.61
C LYS A 157 18.95 8.92 10.48
C LYS A 157 18.99 9.17 10.65
N SER A 158 17.90 9.72 10.43
N SER A 158 17.85 9.86 10.55
CA SER A 158 16.72 9.52 11.23
CA SER A 158 16.67 9.51 11.30
C SER A 158 15.55 10.31 10.76
C SER A 158 15.55 10.31 10.76
N ILE A 159 14.35 9.84 11.07
CA ILE A 159 13.16 10.57 10.87
C ILE A 159 13.20 11.92 11.60
N ALA A 160 13.99 11.99 12.64
CA ALA A 160 14.26 13.22 13.34
C ALA A 160 15.09 14.28 12.62
N ASP A 161 15.68 13.89 11.51
CA ASP A 161 16.61 14.73 10.77
C ASP A 161 15.95 15.38 9.54
N ILE A 162 14.67 15.16 9.36
CA ILE A 162 14.03 15.67 8.18
C ILE A 162 13.28 16.96 8.35
N LYS A 163 13.31 17.55 9.53
CA LYS A 163 12.67 18.82 9.76
C LYS A 163 13.32 19.82 8.80
N GLY A 164 12.47 20.49 8.04
CA GLY A 164 12.94 21.45 7.10
C GLY A 164 13.62 20.95 5.84
N VAL A 165 13.66 19.65 5.65
N VAL A 165 13.78 19.64 5.65
CA VAL A 165 14.30 19.05 4.55
CA VAL A 165 14.38 19.11 4.43
C VAL A 165 13.28 18.70 3.47
C VAL A 165 13.34 18.80 3.36
N LYS A 166 13.69 18.83 2.22
N LYS A 166 13.78 18.79 2.09
CA LYS A 166 12.84 18.44 1.07
CA LYS A 166 12.89 18.44 1.00
C LYS A 166 12.63 16.96 1.05
C LYS A 166 12.69 16.96 1.03
N THR A 167 11.37 16.54 1.21
N THR A 167 11.44 16.56 1.37
CA THR A 167 11.03 15.19 1.42
CA THR A 167 11.00 15.16 1.45
C THR A 167 9.93 14.90 0.41
C THR A 167 9.93 14.91 0.39
N ALA A 168 10.25 14.07 -0.59
CA ALA A 168 9.33 13.79 -1.71
C ALA A 168 8.32 12.71 -1.30
N GLN A 169 7.05 13.03 -1.38
CA GLN A 169 6.00 12.10 -0.97
C GLN A 169 4.73 12.30 -1.74
N SER A 170 3.93 11.26 -1.84
N SER A 170 3.91 11.25 -1.81
CA SER A 170 2.54 11.43 -2.08
CA SER A 170 2.49 11.42 -2.07
C SER A 170 1.90 12.07 -0.82
C SER A 170 1.92 12.09 -0.82
N LEU A 171 1.18 13.18 -0.99
CA LEU A 171 0.81 14.01 0.15
C LEU A 171 -0.09 13.36 1.17
N THR A 172 -1.01 12.52 0.69
CA THR A 172 -2.06 11.98 1.55
C THR A 172 -1.74 10.57 2.03
N SER A 173 -0.60 10.01 1.63
CA SER A 173 -0.22 8.70 2.15
C SER A 173 0.11 8.79 3.60
N ASN A 174 0.16 7.68 4.30
CA ASN A 174 0.68 7.67 5.62
C ASN A 174 2.08 8.24 5.69
N TYR A 175 2.89 7.98 4.65
CA TYR A 175 4.25 8.49 4.59
C TYR A 175 4.26 10.01 4.45
N GLY A 176 3.44 10.55 3.57
CA GLY A 176 3.33 11.98 3.44
C GLY A 176 2.87 12.67 4.70
N GLU A 177 1.91 12.10 5.39
N GLU A 177 1.91 12.06 5.40
CA GLU A 177 1.36 12.73 6.56
CA GLU A 177 1.43 12.56 6.71
C GLU A 177 2.40 12.68 7.68
C GLU A 177 2.52 12.46 7.78
N LYS A 178 3.17 11.61 7.75
N LYS A 178 3.31 11.40 7.78
CA LYS A 178 4.23 11.47 8.76
CA LYS A 178 4.37 11.31 8.75
C LYS A 178 5.37 12.45 8.48
C LYS A 178 5.41 12.39 8.49
N ALA A 179 5.74 12.59 7.19
CA ALA A 179 6.77 13.57 6.80
C ALA A 179 6.29 14.97 7.26
N LYS A 180 5.03 15.29 7.00
CA LYS A 180 4.47 16.57 7.46
C LYS A 180 4.60 16.72 8.96
N ALA A 181 4.19 15.71 9.71
CA ALA A 181 4.26 15.75 11.18
C ALA A 181 5.68 15.93 11.68
N ALA A 182 6.68 15.41 10.90
CA ALA A 182 8.08 15.49 11.23
C ALA A 182 8.64 16.85 10.85
N GLY A 183 7.86 17.75 10.31
CA GLY A 183 8.27 19.09 9.96
C GLY A 183 9.03 19.19 8.66
N ALA A 184 8.91 18.17 7.80
CA ALA A 184 9.61 18.20 6.52
C ALA A 184 8.96 19.21 5.58
N GLN A 185 9.69 19.62 4.60
N GLN A 185 9.74 19.58 4.56
CA GLN A 185 9.12 20.38 3.54
CA GLN A 185 9.34 20.38 3.38
C GLN A 185 8.77 19.37 2.48
C GLN A 185 8.78 19.39 2.34
N LEU A 186 7.48 19.16 2.25
N LEU A 186 7.46 19.20 2.29
CA LEU A 186 7.07 18.15 1.32
CA LEU A 186 6.86 18.30 1.33
C LEU A 186 7.09 18.63 -0.09
C LEU A 186 7.19 18.70 -0.09
N VAL A 187 7.55 17.72 -0.95
CA VAL A 187 7.61 17.88 -2.38
C VAL A 187 6.66 16.85 -2.94
N PRO A 188 5.49 17.25 -3.49
CA PRO A 188 4.51 16.29 -3.94
C PRO A 188 4.95 15.51 -5.13
N VAL A 189 4.71 14.20 -5.10
N VAL A 189 4.88 14.18 -5.04
CA VAL A 189 4.91 13.32 -6.23
CA VAL A 189 5.16 13.25 -6.12
C VAL A 189 3.87 12.19 -6.26
C VAL A 189 3.94 12.32 -6.12
N ASP A 190 3.98 11.36 -7.29
N ASP A 190 3.81 11.54 -7.18
CA ASP A 190 2.99 10.29 -7.49
CA ASP A 190 2.71 10.63 -7.26
C ASP A 190 3.27 8.95 -6.92
C ASP A 190 3.05 9.23 -6.66
N GLY A 191 4.34 8.86 -6.10
N GLY A 191 4.35 8.90 -6.50
CA GLY A 191 4.72 7.71 -5.34
CA GLY A 191 4.75 7.57 -6.01
C GLY A 191 6.19 7.46 -5.40
C GLY A 191 6.19 7.43 -5.56
N LEU A 192 6.53 6.23 -5.09
CA LEU A 192 7.84 5.92 -4.65
C LEU A 192 8.87 6.07 -5.75
N ALA A 193 8.63 5.56 -6.93
CA ALA A 193 9.62 5.64 -8.01
C ALA A 193 9.97 7.10 -8.28
N GLN A 194 8.99 7.97 -8.33
N GLN A 194 8.98 7.98 -8.33
CA GLN A 194 9.32 9.38 -8.61
CA GLN A 194 9.26 9.42 -8.53
C GLN A 194 10.04 10.05 -7.45
C GLN A 194 10.04 10.02 -7.35
N SER A 195 9.67 9.66 -6.21
N SER A 195 9.68 9.60 -6.13
CA SER A 195 10.38 10.22 -5.06
CA SER A 195 10.38 10.11 -4.98
C SER A 195 11.87 9.83 -5.08
C SER A 195 11.87 9.81 -5.07
N LEU A 196 12.16 8.61 -5.51
CA LEU A 196 13.55 8.13 -5.60
C LEU A 196 14.26 8.86 -6.75
N THR A 197 13.61 9.09 -7.88
CA THR A 197 14.18 9.91 -8.93
C THR A 197 14.65 11.25 -8.38
N LEU A 198 13.77 11.90 -7.63
N LEU A 198 13.76 11.92 -7.64
CA LEU A 198 14.14 13.21 -7.11
CA LEU A 198 14.13 13.24 -7.11
C LEU A 198 15.38 13.11 -6.24
C LEU A 198 15.33 13.17 -6.18
N ILE A 199 15.44 12.11 -5.36
CA ILE A 199 16.63 12.00 -4.50
C ILE A 199 17.87 11.69 -5.26
N GLU A 200 17.75 10.82 -6.25
CA GLU A 200 18.85 10.51 -7.13
C GLU A 200 19.40 11.72 -7.83
N GLN A 201 18.54 12.61 -8.23
CA GLN A 201 18.87 13.81 -8.96
C GLN A 201 19.21 15.00 -8.06
N LYS A 202 19.19 14.78 -6.76
CA LYS A 202 19.48 15.81 -5.74
C LYS A 202 18.47 16.97 -5.84
N ARG A 203 17.23 16.63 -6.22
CA ARG A 203 16.09 17.53 -6.24
C ARG A 203 15.24 17.42 -4.98
N ALA A 204 15.39 16.37 -4.22
CA ALA A 204 14.88 16.22 -2.87
C ALA A 204 15.90 15.47 -2.05
N ASP A 205 15.80 15.44 -0.75
N ASP A 205 15.73 15.53 -0.72
CA ASP A 205 16.87 14.79 0.05
CA ASP A 205 16.70 15.06 0.29
C ASP A 205 16.43 13.51 0.74
C ASP A 205 16.38 13.71 0.95
N ALA A 206 15.11 13.29 0.90
CA ALA A 206 14.65 12.14 1.66
C ALA A 206 13.29 11.73 1.22
N THR A 207 12.93 10.50 1.59
CA THR A 207 11.58 10.02 1.48
C THR A 207 11.33 8.89 2.48
N LEU A 208 10.12 8.83 2.98
CA LEU A 208 9.61 7.69 3.75
C LEU A 208 8.80 6.80 2.85
N ASN A 209 8.99 5.48 2.92
CA ASN A 209 8.11 4.58 2.21
C ASN A 209 8.24 3.20 2.85
N ASP A 210 7.63 2.22 2.23
CA ASP A 210 7.63 0.88 2.72
C ASP A 210 8.94 0.17 2.53
N GLU A 211 9.36 -0.61 3.53
N GLU A 211 9.42 -0.52 3.57
CA GLU A 211 10.63 -1.33 3.46
CA GLU A 211 10.63 -1.30 3.49
C GLU A 211 10.73 -2.23 2.26
C GLU A 211 10.70 -2.18 2.23
N LEU A 212 9.66 -3.03 2.04
CA LEU A 212 9.70 -4.01 0.95
C LEU A 212 9.66 -3.35 -0.43
N ALA A 213 8.88 -2.25 -0.56
CA ALA A 213 8.89 -1.54 -1.85
C ALA A 213 10.25 -0.94 -2.14
N VAL A 214 10.91 -0.40 -1.13
CA VAL A 214 12.25 0.17 -1.30
C VAL A 214 13.28 -0.93 -1.63
N LEU A 215 13.21 -2.05 -0.88
CA LEU A 215 14.11 -3.14 -1.19
C LEU A 215 13.91 -3.65 -2.61
N ASP A 216 12.68 -3.74 -3.08
CA ASP A 216 12.37 -4.20 -4.46
C ASP A 216 13.02 -3.25 -5.46
N TYR A 217 12.87 -1.96 -5.19
CA TYR A 217 13.44 -0.96 -6.08
C TYR A 217 14.99 -1.08 -6.16
N LEU A 218 15.58 -1.27 -5.00
CA LEU A 218 17.04 -1.39 -4.94
C LEU A 218 17.54 -2.66 -5.59
N LYS A 219 16.74 -3.71 -5.64
CA LYS A 219 17.11 -4.91 -6.41
C LYS A 219 17.22 -4.61 -7.86
N LYS A 220 16.28 -3.81 -8.35
N LYS A 220 16.28 -3.80 -8.34
CA LYS A 220 16.21 -3.40 -9.75
CA LYS A 220 16.16 -3.40 -9.73
C LYS A 220 17.12 -2.25 -10.15
C LYS A 220 17.08 -2.24 -10.15
N ASN A 221 17.58 -1.50 -9.17
CA ASN A 221 18.37 -0.28 -9.39
C ASN A 221 19.52 -0.28 -8.37
N PRO A 222 20.50 -1.17 -8.60
CA PRO A 222 21.43 -1.58 -7.52
C PRO A 222 22.53 -0.61 -7.24
N ASN A 223 22.69 0.38 -8.13
N ASN A 223 22.65 0.44 -8.07
CA ASN A 223 23.69 1.41 -7.92
CA ASN A 223 23.69 1.47 -7.95
C ASN A 223 22.99 2.79 -8.08
C ASN A 223 22.98 2.82 -8.07
N ALA A 224 21.77 2.92 -7.50
CA ALA A 224 20.90 4.13 -7.65
C ALA A 224 21.47 5.38 -7.01
N GLY A 225 22.33 5.25 -6.03
CA GLY A 225 22.88 6.38 -5.22
C GLY A 225 22.09 6.75 -4.01
N VAL A 226 21.17 5.86 -3.59
CA VAL A 226 20.35 6.09 -2.43
C VAL A 226 20.41 4.88 -1.56
N LYS A 227 20.08 5.09 -0.29
N LYS A 227 20.06 5.10 -0.29
CA LYS A 227 20.04 3.99 0.67
CA LYS A 227 20.10 4.03 0.71
C LYS A 227 19.08 4.22 1.80
C LYS A 227 19.09 4.24 1.80
N ILE A 228 18.74 3.12 2.46
CA ILE A 228 17.92 3.17 3.67
C ILE A 228 18.86 3.64 4.79
N VAL A 229 18.39 4.69 5.53
CA VAL A 229 19.11 5.27 6.60
C VAL A 229 18.47 5.13 7.95
N TRP A 230 17.23 4.67 7.98
CA TRP A 230 16.43 4.57 9.21
C TRP A 230 15.28 3.62 8.96
N SER A 231 14.93 2.82 9.97
N SER A 231 14.93 2.90 10.02
N SER A 231 14.90 2.91 10.02
CA SER A 231 13.75 2.01 9.86
CA SER A 231 13.84 1.99 9.97
CA SER A 231 13.81 1.99 9.96
C SER A 231 12.89 2.24 11.10
C SER A 231 12.89 2.26 11.15
C SER A 231 12.88 2.12 11.16
N ALA A 232 11.58 2.13 10.90
CA ALA A 232 10.61 2.15 11.93
C ALA A 232 10.71 0.86 12.78
N PRO A 233 10.18 0.82 13.97
CA PRO A 233 10.39 -0.40 14.83
C PRO A 233 9.73 -1.63 14.21
N ALA A 234 10.53 -2.71 14.18
CA ALA A 234 10.12 -3.97 13.58
C ALA A 234 8.93 -4.57 14.28
N ASP A 235 8.70 -4.25 15.54
CA ASP A 235 7.53 -4.75 16.28
C ASP A 235 6.31 -3.83 16.22
N GLU A 236 6.34 -2.83 15.35
CA GLU A 236 5.25 -1.91 15.19
C GLU A 236 4.74 -1.91 13.72
N LYS A 237 4.88 -3.02 13.05
N LYS A 237 4.73 -3.07 13.07
CA LYS A 237 4.40 -3.05 11.70
CA LYS A 237 4.32 -3.15 11.69
C LYS A 237 2.87 -2.74 11.58
C LYS A 237 2.82 -2.86 11.54
N VAL A 238 2.46 -2.20 10.45
CA VAL A 238 1.10 -1.96 10.05
C VAL A 238 0.53 -3.17 9.33
N GLY A 239 -0.68 -3.60 9.68
CA GLY A 239 -1.34 -4.65 8.94
C GLY A 239 -2.20 -4.05 7.86
N SER A 240 -1.87 -4.33 6.61
CA SER A 240 -2.70 -3.87 5.49
C SER A 240 -3.81 -4.84 5.18
N GLY A 241 -4.99 -4.33 4.90
CA GLY A 241 -6.10 -5.14 4.54
C GLY A 241 -6.99 -4.46 3.53
N LEU A 242 -8.04 -5.18 3.11
CA LEU A 242 -9.02 -4.56 2.23
C LEU A 242 -9.78 -3.50 3.00
N ILE A 243 -9.92 -2.28 2.45
CA ILE A 243 -10.54 -1.16 3.13
C ILE A 243 -11.91 -0.88 2.49
N VAL A 244 -12.91 -0.73 3.34
N VAL A 244 -12.86 -0.58 3.36
CA VAL A 244 -14.24 -0.32 2.88
CA VAL A 244 -14.29 -0.56 3.05
C VAL A 244 -14.75 0.80 3.71
C VAL A 244 -14.92 0.61 3.82
N ASN A 245 -15.80 1.45 3.20
CA ASN A 245 -16.56 2.37 4.02
C ASN A 245 -17.15 1.66 5.20
N LYS A 246 -17.27 2.35 6.35
N LYS A 246 -17.28 2.32 6.35
CA LYS A 246 -18.15 1.86 7.46
CA LYS A 246 -18.14 1.78 7.41
C LYS A 246 -19.57 1.69 6.92
C LYS A 246 -19.56 1.68 6.91
N GLY A 247 -20.31 0.84 7.61
CA GLY A 247 -21.66 0.47 7.20
C GLY A 247 -21.74 -0.78 6.36
N ASN A 248 -20.65 -1.53 6.29
CA ASN A 248 -20.55 -2.72 5.48
C ASN A 248 -19.97 -3.91 6.27
N ASP A 249 -20.47 -4.06 7.51
N ASP A 249 -20.46 -4.10 7.48
CA ASP A 249 -19.87 -5.03 8.42
CA ASP A 249 -19.80 -5.06 8.35
C ASP A 249 -19.92 -6.43 7.88
C ASP A 249 -19.94 -6.49 7.93
N GLU A 250 -21.06 -6.85 7.30
CA GLU A 250 -21.16 -8.17 6.79
C GLU A 250 -20.17 -8.45 5.64
N ALA A 251 -20.00 -7.47 4.77
CA ALA A 251 -19.05 -7.57 3.69
C ALA A 251 -17.65 -7.70 4.25
N VAL A 252 -17.28 -6.96 5.27
CA VAL A 252 -15.96 -7.09 5.89
C VAL A 252 -15.76 -8.52 6.39
N ALA A 253 -16.78 -9.05 7.07
CA ALA A 253 -16.66 -10.44 7.58
C ALA A 253 -16.41 -11.41 6.44
N LYS A 254 -17.07 -11.23 5.29
CA LYS A 254 -16.82 -12.11 4.13
C LYS A 254 -15.38 -11.98 3.65
N PHE A 255 -14.85 -10.74 3.53
CA PHE A 255 -13.50 -10.54 3.13
C PHE A 255 -12.54 -11.17 4.12
N SER A 256 -12.74 -10.98 5.42
CA SER A 256 -11.84 -11.54 6.38
C SER A 256 -11.86 -13.05 6.38
N THR A 257 -13.04 -13.64 6.21
CA THR A 257 -13.16 -15.10 6.16
C THR A 257 -12.36 -15.62 4.97
N ALA A 258 -12.46 -15.00 3.80
CA ALA A 258 -11.71 -15.43 2.65
C ALA A 258 -10.20 -15.31 2.92
N ILE A 259 -9.76 -14.16 3.43
CA ILE A 259 -8.37 -13.94 3.75
C ILE A 259 -7.87 -14.98 4.76
N ASN A 260 -8.63 -15.32 5.77
CA ASN A 260 -8.21 -16.36 6.70
C ASN A 260 -8.05 -17.68 6.03
N GLU A 261 -8.93 -18.04 5.12
N GLU A 261 -8.94 -17.97 5.10
CA GLU A 261 -8.76 -19.31 4.40
CA GLU A 261 -8.86 -19.22 4.29
C GLU A 261 -7.55 -19.32 3.49
C GLU A 261 -7.58 -19.30 3.51
N LEU A 262 -7.29 -18.18 2.83
CA LEU A 262 -6.08 -18.07 2.00
C LEU A 262 -4.81 -18.16 2.84
N LYS A 263 -4.85 -17.66 4.08
N LYS A 263 -4.84 -17.65 4.08
N LYS A 263 -4.92 -17.73 4.08
CA LYS A 263 -3.74 -17.90 4.98
CA LYS A 263 -3.76 -17.89 5.03
CA LYS A 263 -3.82 -17.85 4.97
C LYS A 263 -3.62 -19.40 5.26
C LYS A 263 -3.62 -19.39 5.28
C LYS A 263 -3.63 -19.32 5.38
N ALA A 264 -4.71 -20.01 5.73
CA ALA A 264 -4.66 -21.38 6.16
C ALA A 264 -4.22 -22.32 5.07
N ASP A 265 -4.63 -22.06 3.83
N ASP A 265 -4.65 -22.04 3.84
CA ASP A 265 -4.30 -22.98 2.75
CA ASP A 265 -4.36 -22.90 2.68
C ASP A 265 -2.98 -22.68 2.09
C ASP A 265 -2.94 -22.76 2.17
N GLY A 266 -2.20 -21.75 2.64
CA GLY A 266 -0.87 -21.49 2.12
C GLY A 266 -0.81 -20.50 0.95
N THR A 267 -1.92 -19.92 0.52
CA THR A 267 -1.89 -19.04 -0.62
C THR A 267 -1.11 -17.74 -0.30
N LEU A 268 -1.37 -17.17 0.87
CA LEU A 268 -0.64 -15.94 1.22
C LEU A 268 0.83 -16.17 1.33
N LYS A 269 1.25 -17.33 1.83
N LYS A 269 1.24 -17.34 1.82
CA LYS A 269 2.64 -17.69 1.95
CA LYS A 269 2.65 -17.69 1.86
C LYS A 269 3.25 -17.73 0.54
C LYS A 269 3.24 -17.76 0.46
N LYS A 270 2.55 -18.41 -0.35
N LYS A 270 2.54 -18.47 -0.43
CA LYS A 270 3.02 -18.56 -1.73
CA LYS A 270 2.98 -18.61 -1.80
C LYS A 270 3.14 -17.20 -2.43
C LYS A 270 3.13 -17.23 -2.47
N LEU A 271 2.13 -16.38 -2.27
CA LEU A 271 2.13 -15.07 -2.96
C LEU A 271 3.24 -14.18 -2.33
N GLY A 272 3.45 -14.27 -1.03
CA GLY A 272 4.50 -13.49 -0.42
C GLY A 272 5.89 -13.95 -0.87
N GLU A 273 6.07 -15.26 -1.00
N GLU A 273 6.12 -15.25 -0.96
CA GLU A 273 7.27 -15.80 -1.59
CA GLU A 273 7.40 -15.71 -1.44
C GLU A 273 7.53 -15.17 -2.96
C GLU A 273 7.61 -15.28 -2.89
N GLN A 274 6.49 -15.25 -3.79
N GLN A 274 6.53 -15.20 -3.65
CA GLN A 274 6.61 -14.78 -5.18
CA GLN A 274 6.59 -14.80 -5.07
C GLN A 274 7.07 -13.28 -5.20
C GLN A 274 6.90 -13.29 -5.32
N PHE A 275 6.38 -12.43 -4.45
CA PHE A 275 6.58 -11.00 -4.56
C PHE A 275 7.65 -10.42 -3.69
N PHE A 276 7.94 -11.04 -2.56
CA PHE A 276 8.88 -10.52 -1.58
C PHE A 276 9.96 -11.46 -1.23
N GLY A 277 9.88 -12.72 -1.59
CA GLY A 277 10.78 -13.71 -1.03
C GLY A 277 10.51 -14.07 0.43
N LYS A 278 9.32 -13.76 0.95
N LYS A 278 9.30 -13.76 0.91
CA LYS A 278 8.98 -14.27 2.29
CA LYS A 278 9.03 -13.77 2.35
C LYS A 278 7.51 -14.02 2.50
C LYS A 278 7.50 -13.88 2.54
N ASP A 279 6.99 -14.77 3.40
CA ASP A 279 5.62 -14.65 3.84
C ASP A 279 5.52 -13.53 4.82
N ILE A 280 4.71 -12.54 4.54
CA ILE A 280 4.51 -11.41 5.40
C ILE A 280 3.12 -11.31 5.98
N SER A 281 2.35 -12.42 5.92
CA SER A 281 0.97 -12.44 6.36
C SER A 281 0.73 -12.74 7.83
N VAL A 282 1.73 -13.07 8.58
CA VAL A 282 1.51 -13.49 9.94
C VAL A 282 2.11 -12.48 10.84
N GLN A 283 1.38 -12.17 11.91
N GLN A 283 1.32 -12.31 11.92
CA GLN A 283 1.95 -11.39 13.02
CA GLN A 283 1.56 -11.42 13.05
C GLN A 283 1.18 -11.57 14.32
C GLN A 283 0.93 -11.94 14.35
#